data_1VK4
#
_entry.id   1VK4
#
_cell.length_a   43.290
_cell.length_b   68.530
_cell.length_c   96.020
_cell.angle_alpha   90.00
_cell.angle_beta   90.00
_cell.angle_gamma   90.00
#
_symmetry.space_group_name_H-M   'P 21 21 21'
#
loop_
_entity.id
_entity.type
_entity.pdbx_description
1 polymer 'PfkB Carbohydrate kinase TM0415'
2 water water
#
_entity_poly.entity_id   1
_entity_poly.type   'polypeptide(L)'
_entity_poly.pdbx_seq_one_letter_code
;MGSDKIHHHHHH(MSE)ITFIGHVSKDVNVVDGKREIAYGGGVV(MSE)GAITSSLLGVKTKVITKCTREDVSKFSFLRD
NGVEVVFLKSPRTTSIENRYGSDPDTRESFLISAADPFTESDLAFIEGEAVHINPLWYGEFPEDLIPVLRRKV(MSE)FL
SADAQGFVRVPENEKLVYRDWE(MSE)KEKYLKYLDLFKVDSREAETLTGTNDLRESCRIIRSFGAKIILATHASGVIVF
DGNFYEASFRSWSLEGRTGRGDTCTAAFLVGFVFKK(MSE)SIEKATKFAAAVTSVK(MSE)RHPGPLRREDLEAISGDQ
YF
;
_entity_poly.pdbx_strand_id   A
#
# COMPACT_ATOMS: atom_id res chain seq x y z
N ILE A 6 18.34 9.51 19.60
CA ILE A 6 17.13 8.70 19.25
C ILE A 6 16.79 8.68 17.73
N HIS A 7 16.47 9.82 17.09
CA HIS A 7 16.02 9.83 15.66
C HIS A 7 17.16 9.96 14.62
N HIS A 8 16.87 9.49 13.40
CA HIS A 8 17.78 9.59 12.26
C HIS A 8 19.12 9.00 12.54
N HIS A 9 19.11 7.83 13.17
CA HIS A 9 20.33 7.02 13.31
C HIS A 9 20.21 5.73 12.50
N HIS A 10 19.01 5.54 11.88
CA HIS A 10 18.68 4.31 11.19
C HIS A 10 18.22 4.61 9.75
N HIS A 11 19.18 4.61 8.85
CA HIS A 11 18.90 4.71 7.40
C HIS A 11 18.24 3.42 6.89
N HIS A 12 18.63 2.28 7.48
CA HIS A 12 18.12 0.94 7.09
C HIS A 12 16.75 0.66 7.70
N MSE A 13 15.76 1.41 7.19
CA MSE A 13 14.41 1.35 7.62
C MSE A 13 13.47 1.97 6.57
O MSE A 13 13.90 2.65 5.66
CB MSE A 13 14.22 2.04 8.99
CG MSE A 13 14.15 3.51 8.99
SE MSE A 13 13.97 4.18 10.90
CE MSE A 13 12.12 4.00 11.06
N ILE A 14 12.19 1.69 6.74
CA ILE A 14 11.15 2.16 5.82
C ILE A 14 10.07 2.88 6.59
N THR A 15 9.53 3.95 5.98
CA THR A 15 8.36 4.62 6.48
C THR A 15 7.21 4.46 5.47
N PHE A 16 6.04 4.07 5.97
CA PHE A 16 4.79 4.10 5.21
C PHE A 16 4.01 5.33 5.62
N ILE A 17 3.42 6.02 4.65
CA ILE A 17 2.54 7.16 4.91
C ILE A 17 1.19 6.85 4.34
N GLY A 18 0.17 6.88 5.19
CA GLY A 18 -1.19 6.58 4.81
C GLY A 18 -2.12 6.56 6.00
N HIS A 19 -3.40 6.79 5.71
CA HIS A 19 -4.47 6.71 6.68
C HIS A 19 -4.74 5.28 7.05
N VAL A 20 -4.86 5.08 8.33
CA VAL A 20 -5.51 3.88 8.84
C VAL A 20 -7.01 4.09 8.66
N SER A 21 -7.73 2.99 8.74
CA SER A 21 -9.13 3.00 8.42
C SER A 21 -9.94 2.04 9.30
N LYS A 22 -11.18 2.45 9.60
CA LYS A 22 -12.25 1.58 10.11
C LYS A 22 -12.98 1.08 8.86
N ASP A 23 -12.75 -0.17 8.49
CA ASP A 23 -13.39 -0.78 7.33
C ASP A 23 -14.62 -1.54 7.79
N VAL A 24 -15.72 -1.33 7.09
CA VAL A 24 -17.00 -1.97 7.40
C VAL A 24 -17.41 -2.80 6.18
N ASN A 25 -17.43 -4.12 6.32
CA ASN A 25 -17.91 -4.97 5.26
C ASN A 25 -19.37 -5.36 5.51
N VAL A 26 -20.22 -5.12 4.51
CA VAL A 26 -21.65 -5.46 4.58
C VAL A 26 -22.00 -6.44 3.44
N VAL A 27 -22.28 -7.70 3.83
CA VAL A 27 -22.53 -8.82 2.90
C VAL A 27 -23.96 -9.37 3.09
N ASP A 28 -24.87 -8.98 2.19
CA ASP A 28 -26.31 -9.31 2.25
C ASP A 28 -27.02 -8.91 3.57
N GLY A 29 -26.56 -7.81 4.19
CA GLY A 29 -27.20 -7.24 5.36
C GLY A 29 -26.32 -7.02 6.57
N LYS A 30 -25.40 -7.95 6.84
CA LYS A 30 -24.60 -7.96 8.07
C LYS A 30 -23.31 -7.10 8.00
N ARG A 31 -23.19 -6.17 8.96
CA ARG A 31 -22.03 -5.27 9.11
C ARG A 31 -20.91 -5.94 9.90
N GLU A 32 -19.68 -5.77 9.43
CA GLU A 32 -18.49 -6.36 10.04
C GLU A 32 -17.37 -5.29 10.07
N ILE A 33 -16.92 -4.91 11.26
CA ILE A 33 -15.93 -3.84 11.42
C ILE A 33 -14.51 -4.38 11.61
N ALA A 34 -13.57 -3.86 10.80
CA ALA A 34 -12.14 -4.21 10.85
C ALA A 34 -11.27 -2.93 10.90
N TYR A 35 -10.21 -2.99 11.68
CA TYR A 35 -9.24 -1.91 11.80
C TYR A 35 -7.97 -2.29 11.08
C TYR A 35 -7.83 -2.23 11.14
N GLY A 36 -7.55 -1.37 10.24
N GLY A 36 -7.71 -3.31 10.33
CA GLY A 36 -6.57 -1.64 9.22
CA GLY A 36 -6.39 -3.85 9.98
C GLY A 36 -6.38 -0.37 8.44
C GLY A 36 -5.80 -3.83 8.56
N GLY A 37 -6.52 -0.45 7.13
N GLY A 37 -6.33 -3.06 7.61
CA GLY A 37 -6.02 0.59 6.24
CA GLY A 37 -5.78 -3.05 6.26
C GLY A 37 -4.74 0.01 5.70
C GLY A 37 -4.83 -1.88 5.98
N GLY A 38 -4.40 0.30 4.45
N GLY A 38 -4.45 -1.67 4.72
CA GLY A 38 -3.31 -0.36 3.76
CA GLY A 38 -3.65 -0.51 4.30
C GLY A 38 -1.95 -0.32 4.46
C GLY A 38 -2.19 -0.45 4.77
N VAL A 39 -1.73 0.72 5.25
CA VAL A 39 -0.47 0.88 5.94
C VAL A 39 -0.29 -0.18 7.01
N VAL A 40 -1.39 -0.65 7.61
CA VAL A 40 -1.27 -1.61 8.68
C VAL A 40 -0.73 -2.92 8.15
N MSE A 41 -1.33 -3.38 7.06
CA MSE A 41 -0.93 -4.62 6.37
C MSE A 41 0.51 -4.54 5.87
O MSE A 41 1.32 -5.45 6.12
CB MSE A 41 -1.96 -4.88 5.23
CG MSE A 41 -1.89 -6.20 4.53
SE MSE A 41 -2.61 -7.63 5.72
CE MSE A 41 -4.53 -7.14 5.96
N GLY A 42 0.85 -3.44 5.20
CA GLY A 42 2.20 -3.26 4.69
C GLY A 42 3.26 -3.19 5.77
N ALA A 43 3.03 -2.36 6.77
CA ALA A 43 4.01 -2.13 7.85
C ALA A 43 4.25 -3.39 8.67
N ILE A 44 3.20 -4.16 8.96
CA ILE A 44 3.40 -5.43 9.68
C ILE A 44 4.26 -6.40 8.88
N THR A 45 4.03 -6.41 7.57
CA THR A 45 4.77 -7.27 6.67
C THR A 45 6.26 -6.92 6.69
N SER A 46 6.61 -5.65 6.47
CA SER A 46 8.00 -5.28 6.42
C SER A 46 8.66 -5.51 7.77
N SER A 47 7.94 -5.23 8.85
CA SER A 47 8.51 -5.40 10.20
C SER A 47 8.84 -6.87 10.48
N LEU A 48 7.88 -7.73 10.19
CA LEU A 48 8.09 -9.15 10.43
C LEU A 48 9.17 -9.72 9.57
N LEU A 49 9.31 -9.18 8.36
CA LEU A 49 10.37 -9.57 7.43
C LEU A 49 11.75 -9.08 7.83
N GLY A 50 11.83 -8.31 8.91
CA GLY A 50 13.09 -7.92 9.52
C GLY A 50 13.58 -6.50 9.18
N VAL A 51 12.73 -5.68 8.58
CA VAL A 51 13.06 -4.29 8.33
C VAL A 51 12.37 -3.39 9.35
N LYS A 52 13.15 -2.59 10.07
CA LYS A 52 12.66 -1.59 10.99
C LYS A 52 11.70 -0.66 10.23
N THR A 53 10.52 -0.48 10.79
CA THR A 53 9.41 0.16 10.09
C THR A 53 8.76 1.25 10.92
N LYS A 54 8.38 2.33 10.26
CA LYS A 54 7.67 3.46 10.84
C LYS A 54 6.43 3.74 10.00
N VAL A 55 5.35 4.09 10.66
CA VAL A 55 4.13 4.54 9.97
C VAL A 55 3.80 5.96 10.44
N ILE A 56 3.44 6.82 9.49
CA ILE A 56 2.90 8.15 9.71
C ILE A 56 1.44 8.09 9.22
N THR A 57 0.51 8.33 10.13
CA THR A 57 -0.89 8.24 9.83
C THR A 57 -1.64 9.35 10.54
N LYS A 58 -2.94 9.38 10.33
CA LYS A 58 -3.85 10.32 11.01
C LYS A 58 -5.13 9.63 11.43
N CYS A 59 -5.59 9.95 12.64
CA CYS A 59 -6.89 9.53 13.10
C CYS A 59 -7.30 10.36 14.32
N THR A 60 -8.49 10.10 14.87
CA THR A 60 -8.91 10.82 16.07
C THR A 60 -8.09 10.28 17.25
N ARG A 61 -8.00 11.04 18.33
CA ARG A 61 -7.40 10.58 19.59
C ARG A 61 -8.08 9.36 20.12
N GLU A 62 -9.41 9.38 20.08
CA GLU A 62 -10.21 8.25 20.52
C GLU A 62 -9.85 6.95 19.86
N ASP A 63 -9.57 7.00 18.56
CA ASP A 63 -9.30 5.79 17.77
C ASP A 63 -7.88 5.26 17.85
N VAL A 64 -6.94 6.02 18.44
CA VAL A 64 -5.54 5.59 18.50
C VAL A 64 -5.43 4.15 19.05
N SER A 65 -6.09 3.90 20.17
CA SER A 65 -6.07 2.60 20.84
C SER A 65 -6.63 1.47 20.01
N LYS A 66 -7.56 1.77 19.12
CA LYS A 66 -8.12 0.74 18.23
C LYS A 66 -7.11 0.27 17.17
N PHE A 67 -6.05 1.06 16.97
CA PHE A 67 -4.91 0.69 16.09
C PHE A 67 -3.63 0.37 16.82
N SER A 68 -3.78 -0.15 18.04
CA SER A 68 -2.64 -0.51 18.89
C SER A 68 -1.89 -1.72 18.37
N PHE A 69 -2.51 -2.49 17.48
CA PHE A 69 -1.87 -3.68 16.90
C PHE A 69 -0.47 -3.42 16.34
N LEU A 70 -0.30 -2.34 15.55
CA LEU A 70 1.00 -1.92 15.09
C LEU A 70 2.05 -1.84 16.19
N ARG A 71 1.86 -0.98 17.19
CA ARG A 71 2.79 -0.82 18.32
C ARG A 71 2.90 -2.09 19.15
N ASP A 72 1.80 -2.83 19.34
CA ASP A 72 1.87 -4.17 19.94
C ASP A 72 2.68 -5.17 19.06
N ASN A 73 3.30 -4.72 17.96
CA ASN A 73 4.16 -5.57 17.09
C ASN A 73 5.51 -4.88 16.76
N GLY A 74 5.91 -3.90 17.56
CA GLY A 74 7.19 -3.24 17.34
C GLY A 74 7.29 -2.13 16.29
N VAL A 75 6.24 -1.94 15.49
CA VAL A 75 6.17 -0.82 14.54
C VAL A 75 6.02 0.50 15.32
N GLU A 76 6.90 1.43 15.05
CA GLU A 76 6.75 2.80 15.49
C GLU A 76 5.64 3.51 14.66
N VAL A 77 4.69 4.14 15.33
CA VAL A 77 3.61 4.88 14.65
C VAL A 77 3.55 6.33 15.14
N VAL A 78 3.46 7.27 14.22
CA VAL A 78 3.15 8.65 14.50
C VAL A 78 1.67 8.85 14.15
N PHE A 79 0.84 8.95 15.17
CA PHE A 79 -0.60 9.25 14.99
C PHE A 79 -0.78 10.75 15.00
N LEU A 80 -0.73 11.37 13.82
CA LEU A 80 -0.97 12.79 13.71
C LEU A 80 -2.46 13.14 13.95
N LYS A 81 -2.70 14.37 14.40
CA LYS A 81 -4.03 14.80 14.79
C LYS A 81 -4.97 14.96 13.60
N SER A 82 -6.21 14.51 13.80
CA SER A 82 -7.28 14.68 12.83
C SER A 82 -8.60 14.65 13.59
N PRO A 83 -9.55 15.51 13.24
CA PRO A 83 -10.88 15.48 13.89
C PRO A 83 -11.72 14.26 13.47
N ARG A 84 -11.34 13.57 12.40
CA ARG A 84 -12.04 12.38 11.95
C ARG A 84 -11.04 11.30 11.65
N THR A 85 -11.54 10.07 11.64
CA THR A 85 -10.85 8.88 11.21
C THR A 85 -11.46 8.41 9.91
N THR A 86 -10.63 7.99 8.96
CA THR A 86 -11.12 7.44 7.73
C THR A 86 -11.89 6.16 7.99
N SER A 87 -13.02 6.05 7.31
CA SER A 87 -13.89 4.89 7.41
C SER A 87 -14.51 4.64 6.03
N ILE A 88 -14.38 3.40 5.59
CA ILE A 88 -14.83 2.98 4.28
C ILE A 88 -15.78 1.77 4.44
N GLU A 89 -16.97 1.92 3.88
CA GLU A 89 -18.00 0.87 3.86
C GLU A 89 -17.96 0.21 2.50
N ASN A 90 -17.65 -1.08 2.48
CA ASN A 90 -17.73 -1.93 1.29
C ASN A 90 -19.08 -2.67 1.28
N ARG A 91 -19.93 -2.34 0.30
CA ARG A 91 -21.26 -2.96 0.08
C ARG A 91 -21.17 -3.98 -1.08
N TYR A 92 -21.37 -5.28 -0.78
CA TYR A 92 -21.13 -6.38 -1.72
C TYR A 92 -22.44 -7.03 -2.14
N THR A 98 -20.67 -7.95 -7.50
CA THR A 98 -19.69 -6.88 -7.60
C THR A 98 -19.73 -5.91 -6.38
N ARG A 99 -18.61 -5.20 -6.15
CA ARG A 99 -18.39 -4.35 -4.96
C ARG A 99 -18.46 -2.82 -5.19
N GLU A 100 -19.12 -2.10 -4.28
CA GLU A 100 -19.10 -0.65 -4.23
C GLU A 100 -18.50 -0.23 -2.88
N SER A 101 -17.66 0.82 -2.88
CA SER A 101 -17.04 1.31 -1.64
C SER A 101 -17.41 2.74 -1.41
N PHE A 102 -17.60 3.09 -0.14
CA PHE A 102 -18.11 4.40 0.26
C PHE A 102 -17.24 4.97 1.37
N LEU A 103 -16.77 6.19 1.13
CA LEU A 103 -15.91 6.91 2.06
C LEU A 103 -16.82 7.66 3.01
N ILE A 104 -17.17 7.00 4.12
CA ILE A 104 -18.13 7.53 5.08
C ILE A 104 -17.54 8.70 5.81
N SER A 105 -16.25 8.61 6.06
CA SER A 105 -15.58 9.62 6.85
C SER A 105 -14.14 9.63 6.32
N ALA A 106 -13.53 10.82 6.30
CA ALA A 106 -12.16 10.99 5.82
C ALA A 106 -11.36 11.80 6.86
N ALA A 107 -10.30 11.20 7.39
CA ALA A 107 -9.33 11.95 8.17
C ALA A 107 -8.72 13.03 7.27
N ASP A 108 -8.06 13.98 7.91
CA ASP A 108 -7.42 15.07 7.20
C ASP A 108 -6.29 14.55 6.28
N PRO A 109 -6.12 15.21 5.16
CA PRO A 109 -4.99 14.97 4.25
C PRO A 109 -3.64 15.25 4.89
N PHE A 110 -2.62 14.57 4.38
CA PHE A 110 -1.26 14.88 4.70
C PHE A 110 -0.83 16.25 4.13
N THR A 111 0.10 16.87 4.83
CA THR A 111 0.65 18.15 4.42
C THR A 111 2.14 18.07 4.40
N GLU A 112 2.75 19.12 3.87
CA GLU A 112 4.19 19.18 3.80
C GLU A 112 4.88 19.03 5.16
N SER A 113 4.32 19.62 6.21
CA SER A 113 4.93 19.56 7.53
C SER A 113 4.87 18.14 8.10
N ASP A 114 3.89 17.35 7.70
CA ASP A 114 3.84 15.94 8.11
C ASP A 114 5.05 15.13 7.60
N LEU A 115 5.60 15.53 6.46
CA LEU A 115 6.75 14.83 5.90
C LEU A 115 7.99 14.90 6.73
N ALA A 116 8.03 15.84 7.68
CA ALA A 116 9.18 15.94 8.58
C ALA A 116 9.41 14.69 9.41
N PHE A 117 8.37 13.85 9.57
CA PHE A 117 8.46 12.62 10.37
C PHE A 117 8.99 11.35 9.65
N ILE A 118 9.28 11.44 8.36
CA ILE A 118 9.80 10.31 7.63
C ILE A 118 11.19 9.93 8.12
N GLU A 119 11.45 8.63 8.16
CA GLU A 119 12.76 8.10 8.43
C GLU A 119 13.09 6.92 7.49
N GLY A 120 14.34 6.84 7.11
CA GLY A 120 14.85 5.68 6.47
C GLY A 120 15.16 5.93 5.01
N GLU A 121 15.63 4.88 4.38
CA GLU A 121 16.04 4.99 3.02
C GLU A 121 14.88 4.89 2.03
N ALA A 122 13.75 4.34 2.46
CA ALA A 122 12.58 4.18 1.62
C ALA A 122 11.33 4.74 2.28
N VAL A 123 10.47 5.36 1.47
CA VAL A 123 9.14 5.79 1.90
C VAL A 123 8.13 5.28 0.86
N HIS A 124 7.06 4.63 1.35
CA HIS A 124 5.91 4.21 0.56
C HIS A 124 4.64 5.00 0.82
N ILE A 125 4.17 5.72 -0.20
CA ILE A 125 2.97 6.57 -0.15
C ILE A 125 1.79 5.58 -0.40
N ASN A 126 0.95 5.39 0.61
CA ASN A 126 0.05 4.24 0.66
C ASN A 126 -1.40 4.76 0.98
N PRO A 127 -1.95 5.60 0.13
CA PRO A 127 -3.25 6.22 0.43
C PRO A 127 -4.47 5.36 0.03
N LEU A 128 -5.60 5.68 0.66
CA LEU A 128 -6.85 4.98 0.45
C LEU A 128 -7.75 5.70 -0.54
N TRP A 129 -7.59 7.01 -0.70
CA TRP A 129 -8.50 7.78 -1.54
C TRP A 129 -7.74 8.99 -2.10
N TYR A 130 -8.13 9.43 -3.30
CA TYR A 130 -7.55 10.59 -3.95
C TYR A 130 -7.84 11.90 -3.20
N GLY A 131 -6.80 12.60 -2.74
CA GLY A 131 -6.95 13.78 -1.89
C GLY A 131 -6.24 13.54 -0.54
N GLU A 132 -6.12 12.28 -0.15
CA GLU A 132 -5.44 11.90 1.08
C GLU A 132 -3.98 12.39 1.07
N PHE A 133 -3.26 12.05 0.00
CA PHE A 133 -1.89 12.47 -0.19
C PHE A 133 -1.87 13.34 -1.44
N PRO A 134 -1.86 14.66 -1.28
CA PRO A 134 -1.86 15.56 -2.44
C PRO A 134 -0.65 15.30 -3.35
N GLU A 135 -0.91 15.20 -4.65
CA GLU A 135 0.09 14.87 -5.64
C GLU A 135 1.27 15.83 -5.64
N ASP A 136 1.03 17.10 -5.32
CA ASP A 136 2.10 18.10 -5.25
C ASP A 136 3.11 17.88 -4.11
N LEU A 137 2.82 16.96 -3.20
CA LEU A 137 3.83 16.56 -2.19
C LEU A 137 4.82 15.52 -2.68
N ILE A 138 4.53 14.90 -3.82
CA ILE A 138 5.41 13.92 -4.40
C ILE A 138 6.80 14.49 -4.67
N PRO A 139 6.92 15.59 -5.43
CA PRO A 139 8.24 16.22 -5.64
C PRO A 139 8.95 16.70 -4.38
N VAL A 140 8.20 17.06 -3.36
CA VAL A 140 8.78 17.50 -2.12
C VAL A 140 9.40 16.32 -1.39
N LEU A 141 8.65 15.22 -1.32
CA LEU A 141 9.13 14.05 -0.63
C LEU A 141 10.34 13.46 -1.37
N ARG A 142 10.31 13.53 -2.71
CA ARG A 142 11.41 13.07 -3.56
C ARG A 142 12.77 13.66 -3.15
N ARG A 143 12.77 14.91 -2.67
CA ARG A 143 13.99 15.57 -2.27
C ARG A 143 14.63 14.92 -1.07
N LYS A 144 13.81 14.33 -0.20
CA LYS A 144 14.24 13.86 1.11
C LYS A 144 14.60 12.38 1.23
N VAL A 145 14.19 11.58 0.28
CA VAL A 145 14.27 10.16 0.45
C VAL A 145 14.93 9.50 -0.72
N MSE A 146 15.69 8.44 -0.45
CA MSE A 146 16.46 7.74 -1.49
C MSE A 146 15.60 6.87 -2.43
O MSE A 146 15.83 6.85 -3.62
CB MSE A 146 17.59 6.88 -0.87
CG MSE A 146 18.79 7.67 -0.44
SE MSE A 146 19.70 8.58 -2.02
CE MSE A 146 19.26 7.55 -3.61
N PHE A 147 14.64 6.13 -1.88
CA PHE A 147 13.73 5.28 -2.64
C PHE A 147 12.28 5.62 -2.30
N LEU A 148 11.55 6.10 -3.31
CA LEU A 148 10.22 6.61 -3.15
C LEU A 148 9.24 5.75 -3.98
N SER A 149 8.25 5.20 -3.32
CA SER A 149 7.24 4.41 -4.02
C SER A 149 5.83 4.89 -3.68
N ALA A 150 4.86 4.56 -4.55
CA ALA A 150 3.48 4.85 -4.28
C ALA A 150 2.53 3.82 -4.85
N ASP A 151 1.34 3.79 -4.25
CA ASP A 151 0.27 2.90 -4.66
C ASP A 151 -0.80 3.72 -5.43
N ALA A 152 -1.11 3.26 -6.62
CA ALA A 152 -2.08 3.90 -7.53
C ALA A 152 -3.45 4.16 -6.88
N GLN A 153 -3.82 3.33 -5.91
CA GLN A 153 -5.11 3.45 -5.26
C GLN A 153 -5.36 4.88 -4.74
N GLY A 154 -4.32 5.49 -4.18
CA GLY A 154 -4.39 6.86 -3.74
C GLY A 154 -4.55 7.91 -4.80
N PHE A 155 -4.46 7.55 -6.07
CA PHE A 155 -4.53 8.54 -7.16
C PHE A 155 -5.64 8.29 -8.15
N VAL A 156 -6.28 7.11 -8.06
CA VAL A 156 -7.37 6.79 -8.97
C VAL A 156 -8.71 6.49 -8.29
N ARG A 157 -8.72 6.26 -6.97
CA ARG A 157 -9.96 6.03 -6.22
C ARG A 157 -10.47 7.34 -5.66
N VAL A 158 -11.43 7.91 -6.35
CA VAL A 158 -11.91 9.25 -6.12
C VAL A 158 -13.30 9.19 -5.45
N PRO A 159 -13.46 9.88 -4.33
CA PRO A 159 -14.80 10.00 -3.72
C PRO A 159 -15.69 10.99 -4.51
N GLU A 160 -16.87 10.53 -4.90
CA GLU A 160 -17.85 11.36 -5.60
C GLU A 160 -19.15 11.11 -4.86
N ASN A 161 -19.56 12.08 -4.04
CA ASN A 161 -20.67 11.93 -3.12
C ASN A 161 -20.52 10.68 -2.28
N GLU A 162 -19.33 10.56 -1.66
CA GLU A 162 -18.96 9.43 -0.79
C GLU A 162 -18.62 8.10 -1.50
N LYS A 163 -19.20 7.84 -2.66
CA LYS A 163 -18.84 6.64 -3.44
C LYS A 163 -17.41 6.79 -4.03
N LEU A 164 -16.60 5.76 -3.83
CA LEU A 164 -15.25 5.72 -4.37
C LEU A 164 -15.29 5.16 -5.80
N VAL A 165 -14.96 5.99 -6.76
CA VAL A 165 -15.03 5.53 -8.15
C VAL A 165 -13.64 5.66 -8.79
N TYR A 166 -13.39 4.82 -9.77
CA TYR A 166 -12.12 4.80 -10.47
C TYR A 166 -12.09 5.83 -11.57
N ARG A 167 -11.17 6.80 -11.45
CA ARG A 167 -10.95 7.85 -12.43
C ARG A 167 -9.48 7.90 -12.74
N ASP A 168 -9.19 8.26 -13.97
CA ASP A 168 -7.80 8.43 -14.37
C ASP A 168 -7.11 9.49 -13.50
N TRP A 169 -5.81 9.28 -13.28
CA TRP A 169 -4.98 10.26 -12.58
C TRP A 169 -4.50 11.31 -13.59
N GLU A 170 -5.16 12.46 -13.63
CA GLU A 170 -5.01 13.45 -14.71
C GLU A 170 -3.57 13.89 -14.90
N MSE A 171 -2.85 14.07 -13.79
CA MSE A 171 -1.49 14.61 -13.83
C MSE A 171 -0.46 13.50 -13.65
O MSE A 171 0.70 13.77 -13.30
CB MSE A 171 -1.29 15.68 -12.77
CG MSE A 171 -2.13 16.94 -12.87
SE MSE A 171 -1.69 17.94 -14.52
CE MSE A 171 -3.30 17.54 -15.61
N LYS A 172 -0.85 12.25 -13.91
CA LYS A 172 0.11 11.13 -13.77
C LYS A 172 1.43 11.34 -14.49
N GLU A 173 1.40 11.94 -15.68
CA GLU A 173 2.62 12.07 -16.46
C GLU A 173 3.56 13.17 -15.89
N LYS A 174 3.05 14.03 -15.05
CA LYS A 174 3.89 15.02 -14.35
C LYS A 174 4.64 14.35 -13.19
N TYR A 175 4.06 13.30 -12.58
CA TYR A 175 4.53 12.85 -11.26
C TYR A 175 5.16 11.47 -11.25
N LEU A 176 4.89 10.64 -12.27
CA LEU A 176 5.35 9.24 -12.23
C LEU A 176 6.88 9.14 -12.28
N LYS A 177 7.51 10.08 -13.00
CA LYS A 177 8.95 10.17 -13.04
C LYS A 177 9.66 10.29 -11.64
N TYR A 178 8.98 10.82 -10.63
CA TYR A 178 9.58 10.96 -9.30
C TYR A 178 9.50 9.68 -8.42
N LEU A 179 8.93 8.59 -8.96
CA LEU A 179 8.79 7.38 -8.17
C LEU A 179 9.77 6.34 -8.65
N ASP A 180 10.54 5.77 -7.72
CA ASP A 180 11.34 4.58 -8.03
C ASP A 180 10.48 3.34 -8.27
N LEU A 181 9.27 3.31 -7.69
CA LEU A 181 8.35 2.22 -7.91
C LEU A 181 6.94 2.71 -7.78
N PHE A 182 6.11 2.22 -8.71
CA PHE A 182 4.67 2.50 -8.75
C PHE A 182 3.92 1.17 -8.77
N LYS A 183 3.00 1.04 -7.83
CA LYS A 183 2.22 -0.17 -7.63
C LYS A 183 0.78 -0.01 -8.11
N VAL A 184 0.29 -0.97 -8.91
CA VAL A 184 -1.06 -0.91 -9.43
C VAL A 184 -1.70 -2.28 -9.25
N ASP A 185 -2.99 -2.34 -9.03
CA ASP A 185 -3.75 -3.61 -9.16
C ASP A 185 -4.45 -3.62 -10.54
N SER A 186 -5.03 -4.73 -10.94
CA SER A 186 -5.76 -4.85 -12.23
C SER A 186 -6.80 -3.79 -12.57
N ARG A 187 -7.70 -3.44 -11.65
CA ARG A 187 -8.70 -2.37 -11.92
C ARG A 187 -8.04 -1.00 -12.14
N GLU A 188 -7.08 -0.70 -11.29
CA GLU A 188 -6.43 0.59 -11.38
C GLU A 188 -5.69 0.71 -12.72
N ALA A 189 -5.08 -0.39 -13.18
CA ALA A 189 -4.27 -0.35 -14.36
C ALA A 189 -5.14 0.04 -15.55
N GLU A 190 -6.33 -0.55 -15.72
CA GLU A 190 -7.17 -0.22 -16.90
C GLU A 190 -7.63 1.21 -16.86
N THR A 191 -7.92 1.68 -15.66
CA THR A 191 -8.31 3.05 -15.49
C THR A 191 -7.23 4.00 -16.00
N LEU A 192 -5.97 3.68 -15.71
CA LEU A 192 -4.82 4.51 -16.13
C LEU A 192 -4.43 4.36 -17.58
N THR A 193 -4.79 3.24 -18.23
CA THR A 193 -4.22 2.91 -19.53
C THR A 193 -5.17 2.63 -20.65
N GLY A 194 -6.43 2.32 -20.35
CA GLY A 194 -7.40 1.93 -21.36
C GLY A 194 -7.32 0.50 -21.92
N THR A 195 -6.58 -0.38 -21.28
CA THR A 195 -6.58 -1.76 -21.71
C THR A 195 -6.64 -2.66 -20.50
N ASN A 196 -7.22 -3.84 -20.70
CA ASN A 196 -7.22 -4.87 -19.64
C ASN A 196 -6.01 -5.81 -19.77
N ASP A 197 -5.24 -5.68 -20.84
CA ASP A 197 -3.98 -6.43 -20.95
C ASP A 197 -2.96 -5.83 -20.00
N LEU A 198 -2.81 -6.48 -18.85
CA LEU A 198 -2.01 -5.96 -17.76
C LEU A 198 -0.54 -5.75 -18.18
N ARG A 199 -0.05 -6.59 -19.09
CA ARG A 199 1.32 -6.45 -19.63
C ARG A 199 1.44 -5.16 -20.43
N GLU A 200 0.46 -4.89 -21.31
CA GLU A 200 0.46 -3.66 -22.09
C GLU A 200 0.31 -2.43 -21.19
N SER A 201 -0.49 -2.55 -20.12
CA SER A 201 -0.61 -1.51 -19.10
C SER A 201 0.73 -1.20 -18.49
N CYS A 202 1.53 -2.21 -18.20
CA CYS A 202 2.89 -1.96 -17.70
C CYS A 202 3.72 -1.16 -18.73
N ARG A 203 3.61 -1.53 -20.01
CA ARG A 203 4.34 -0.81 -21.08
C ARG A 203 3.93 0.66 -21.12
N ILE A 204 2.63 0.89 -21.14
CA ILE A 204 2.06 2.22 -21.16
C ILE A 204 2.45 3.04 -19.94
N ILE A 205 2.29 2.47 -18.76
CA ILE A 205 2.61 3.21 -17.55
C ILE A 205 4.11 3.57 -17.49
N ARG A 206 4.96 2.66 -17.94
CA ARG A 206 6.40 2.95 -18.08
C ARG A 206 6.60 4.14 -19.03
N SER A 207 5.87 4.21 -20.14
CA SER A 207 5.91 5.35 -21.05
C SER A 207 5.48 6.69 -20.39
N PHE A 208 4.58 6.64 -19.39
CA PHE A 208 4.22 7.83 -18.62
C PHE A 208 5.33 8.30 -17.64
N GLY A 209 6.40 7.50 -17.50
CA GLY A 209 7.53 7.87 -16.63
C GLY A 209 7.89 6.95 -15.45
N ALA A 210 7.11 5.91 -15.19
CA ALA A 210 7.44 5.02 -14.05
C ALA A 210 8.50 4.00 -14.44
N LYS A 211 9.63 4.05 -13.77
CA LYS A 211 10.77 3.18 -14.15
C LYS A 211 10.64 1.73 -13.65
N ILE A 212 10.02 1.50 -12.50
CA ILE A 212 9.57 0.16 -12.09
C ILE A 212 8.10 0.14 -11.69
N ILE A 213 7.37 -0.82 -12.25
CA ILE A 213 5.98 -1.00 -11.98
C ILE A 213 5.78 -2.36 -11.39
N LEU A 214 5.00 -2.42 -10.31
CA LEU A 214 4.59 -3.66 -9.69
C LEU A 214 3.08 -3.74 -9.86
N ALA A 215 2.66 -4.80 -10.53
CA ALA A 215 1.26 -4.93 -10.88
C ALA A 215 0.75 -6.23 -10.28
N THR A 216 -0.27 -6.18 -9.43
CA THR A 216 -0.86 -7.38 -8.87
C THR A 216 -2.16 -7.69 -9.57
N HIS A 217 -2.39 -8.98 -9.76
CA HIS A 217 -3.65 -9.47 -10.26
C HIS A 217 -4.06 -10.63 -9.35
N ALA A 218 -5.17 -11.27 -9.66
CA ALA A 218 -5.77 -12.23 -8.76
C ALA A 218 -4.92 -13.47 -8.52
N SER A 219 -4.05 -13.84 -9.46
CA SER A 219 -3.24 -15.04 -9.29
C SER A 219 -1.74 -14.79 -9.18
N GLY A 220 -1.30 -13.54 -9.10
CA GLY A 220 0.14 -13.30 -9.08
C GLY A 220 0.53 -11.84 -9.25
N VAL A 221 1.82 -11.64 -9.46
CA VAL A 221 2.41 -10.32 -9.60
C VAL A 221 3.26 -10.27 -10.85
N ILE A 222 3.28 -9.08 -11.46
CA ILE A 222 4.07 -8.81 -12.62
C ILE A 222 4.85 -7.57 -12.29
N VAL A 223 6.17 -7.65 -12.42
CA VAL A 223 7.02 -6.50 -12.25
C VAL A 223 7.64 -6.15 -13.60
N PHE A 224 7.73 -4.86 -13.91
CA PHE A 224 8.19 -4.42 -15.22
C PHE A 224 9.15 -3.26 -15.08
N ASP A 225 10.37 -3.45 -15.58
CA ASP A 225 11.38 -2.40 -15.63
C ASP A 225 11.91 -2.19 -17.04
N GLY A 226 11.14 -2.56 -18.06
CA GLY A 226 11.66 -2.70 -19.42
C GLY A 226 11.58 -4.16 -19.80
N ASN A 227 11.81 -5.02 -18.81
CA ASN A 227 11.45 -6.43 -18.91
C ASN A 227 10.51 -6.87 -17.81
N PHE A 228 9.82 -7.97 -18.10
CA PHE A 228 8.88 -8.63 -17.21
C PHE A 228 9.46 -9.69 -16.30
N TYR A 229 9.06 -9.61 -15.02
CA TYR A 229 9.34 -10.62 -14.02
C TYR A 229 8.00 -11.00 -13.38
N GLU A 230 7.64 -12.29 -13.44
CA GLU A 230 6.34 -12.77 -12.97
C GLU A 230 6.48 -13.91 -11.96
N ALA A 231 5.57 -13.97 -11.02
CA ALA A 231 5.47 -15.05 -10.04
C ALA A 231 4.03 -15.15 -9.62
N SER A 232 3.60 -16.35 -9.34
CA SER A 232 2.21 -16.56 -9.01
C SER A 232 2.05 -16.73 -7.54
N PHE A 233 0.83 -16.55 -7.07
CA PHE A 233 0.54 -16.83 -5.67
C PHE A 233 -0.82 -17.49 -5.50
N ARG A 234 -1.02 -18.11 -4.34
CA ARG A 234 -2.25 -18.87 -4.02
C ARG A 234 -2.70 -18.62 -2.60
N SER A 235 -4.01 -18.72 -2.36
CA SER A 235 -4.57 -18.59 -1.05
C SER A 235 -5.27 -19.90 -0.67
N TRP A 236 -5.52 -20.09 0.63
CA TRP A 236 -6.27 -21.29 1.07
C TRP A 236 -7.76 -21.06 0.95
N SER A 237 -8.24 -19.91 1.37
CA SER A 237 -9.66 -19.61 1.28
C SER A 237 -9.87 -18.15 1.05
N LEU A 238 -11.14 -17.78 0.81
CA LEU A 238 -11.53 -16.40 0.57
C LEU A 238 -11.00 -15.44 1.62
N GLU A 239 -11.21 -15.82 2.87
CA GLU A 239 -10.77 -15.06 4.04
C GLU A 239 -9.30 -14.64 3.94
N GLY A 240 -8.46 -15.51 3.37
CA GLY A 240 -7.03 -15.27 3.25
C GLY A 240 -6.59 -14.20 2.28
N ARG A 241 -7.47 -13.83 1.34
CA ARG A 241 -7.12 -12.93 0.26
C ARG A 241 -7.04 -11.44 0.61
N THR A 242 -7.82 -10.99 1.60
CA THR A 242 -7.81 -9.58 1.94
C THR A 242 -6.40 -9.20 2.44
N GLY A 243 -5.86 -8.08 1.97
CA GLY A 243 -4.48 -7.68 2.29
C GLY A 243 -3.39 -8.18 1.34
N ARG A 244 -3.80 -8.86 0.29
CA ARG A 244 -2.90 -9.41 -0.73
C ARG A 244 -1.93 -8.40 -1.33
N GLY A 245 -2.49 -7.31 -1.81
CA GLY A 245 -1.74 -6.28 -2.50
C GLY A 245 -0.73 -5.56 -1.65
N ASP A 246 -1.13 -5.19 -0.43
CA ASP A 246 -0.24 -4.52 0.49
C ASP A 246 0.84 -5.44 0.99
N THR A 247 0.50 -6.70 1.21
CA THR A 247 1.49 -7.69 1.61
C THR A 247 2.56 -7.87 0.53
N CYS A 248 2.12 -8.03 -0.71
CA CYS A 248 3.03 -8.24 -1.82
C CYS A 248 3.92 -7.03 -2.06
N THR A 249 3.34 -5.83 -1.99
CA THR A 249 4.12 -4.60 -2.22
C THR A 249 5.22 -4.47 -1.17
N ALA A 250 4.86 -4.64 0.07
CA ALA A 250 5.85 -4.50 1.14
C ALA A 250 6.95 -5.53 1.05
N ALA A 251 6.61 -6.77 0.70
CA ALA A 251 7.57 -7.85 0.63
C ALA A 251 8.51 -7.54 -0.50
N PHE A 252 7.98 -6.96 -1.60
CA PHE A 252 8.85 -6.63 -2.74
C PHE A 252 9.85 -5.56 -2.29
N LEU A 253 9.37 -4.53 -1.63
CA LEU A 253 10.25 -3.46 -1.15
C LEU A 253 11.32 -3.98 -0.20
N VAL A 254 10.94 -4.87 0.70
CA VAL A 254 11.92 -5.52 1.56
C VAL A 254 12.99 -6.26 0.76
N GLY A 255 12.57 -7.11 -0.19
CA GLY A 255 13.49 -7.91 -0.97
C GLY A 255 14.46 -7.10 -1.83
N PHE A 256 13.91 -6.10 -2.54
CA PHE A 256 14.60 -5.30 -3.52
C PHE A 256 15.45 -4.21 -2.85
N VAL A 257 14.86 -3.45 -1.94
CA VAL A 257 15.55 -2.30 -1.38
C VAL A 257 16.47 -2.71 -0.24
N PHE A 258 16.00 -3.59 0.64
CA PHE A 258 16.69 -3.84 1.91
C PHE A 258 17.54 -5.10 1.92
N LYS A 259 17.05 -6.18 1.32
CA LYS A 259 17.82 -7.41 1.19
C LYS A 259 18.70 -7.42 -0.07
N LYS A 260 18.54 -6.42 -0.95
CA LYS A 260 19.39 -6.24 -2.14
C LYS A 260 19.32 -7.44 -3.12
N MSE A 261 18.18 -8.08 -3.15
CA MSE A 261 17.93 -9.11 -4.13
C MSE A 261 17.76 -8.49 -5.51
O MSE A 261 17.35 -7.33 -5.68
CB MSE A 261 16.64 -9.85 -3.77
CG MSE A 261 16.65 -10.54 -2.41
SE MSE A 261 14.79 -11.30 -2.21
CE MSE A 261 15.13 -12.43 -0.60
N SER A 262 18.04 -9.28 -6.51
CA SER A 262 17.78 -8.89 -7.89
C SER A 262 16.30 -8.69 -8.05
N ILE A 263 15.93 -7.94 -9.07
CA ILE A 263 14.52 -7.67 -9.33
C ILE A 263 13.73 -8.96 -9.54
N GLU A 264 14.33 -9.91 -10.22
CA GLU A 264 13.69 -11.21 -10.35
C GLU A 264 13.49 -11.96 -9.03
N LYS A 265 14.52 -12.03 -8.20
CA LYS A 265 14.39 -12.76 -6.94
C LYS A 265 13.45 -12.05 -5.97
N ALA A 266 13.39 -10.73 -6.05
CA ALA A 266 12.50 -9.92 -5.23
C ALA A 266 11.06 -10.12 -5.61
N THR A 267 10.82 -10.29 -6.91
CA THR A 267 9.50 -10.59 -7.41
C THR A 267 9.04 -11.95 -6.88
N LYS A 268 9.89 -12.96 -7.05
CA LYS A 268 9.54 -14.27 -6.55
C LYS A 268 9.32 -14.26 -5.04
N PHE A 269 10.15 -13.51 -4.32
CA PHE A 269 10.08 -13.39 -2.85
C PHE A 269 8.75 -12.79 -2.43
N ALA A 270 8.33 -11.74 -3.15
CA ALA A 270 7.10 -11.04 -2.85
C ALA A 270 5.89 -11.99 -3.00
N ALA A 271 5.86 -12.76 -4.09
CA ALA A 271 4.82 -13.76 -4.32
C ALA A 271 4.82 -14.83 -3.23
N ALA A 272 5.99 -15.30 -2.81
CA ALA A 272 6.06 -16.32 -1.78
C ALA A 272 5.55 -15.81 -0.45
N VAL A 273 5.92 -14.59 -0.09
CA VAL A 273 5.41 -13.98 1.13
C VAL A 273 3.90 -13.83 1.07
N THR A 274 3.38 -13.40 -0.07
CA THR A 274 1.93 -13.26 -0.23
C THR A 274 1.24 -14.59 -0.10
N SER A 275 1.75 -15.63 -0.74
CA SER A 275 1.13 -16.95 -0.55
C SER A 275 1.10 -17.42 0.91
N VAL A 276 2.16 -17.20 1.68
CA VAL A 276 2.16 -17.74 3.05
C VAL A 276 1.12 -17.00 3.92
N LYS A 277 0.99 -15.71 3.66
CA LYS A 277 0.00 -14.90 4.34
C LYS A 277 -1.40 -15.30 3.94
N MSE A 278 -1.62 -15.65 2.66
CA MSE A 278 -2.96 -16.02 2.23
C MSE A 278 -3.45 -17.39 2.66
O MSE A 278 -4.54 -17.81 2.26
CB MSE A 278 -3.13 -15.82 0.70
CG MSE A 278 -2.94 -14.39 0.35
SE MSE A 278 -3.71 -13.94 -1.41
CE MSE A 278 -2.59 -15.01 -2.53
N ARG A 279 -2.70 -18.03 3.56
CA ARG A 279 -3.14 -19.27 4.16
C ARG A 279 -4.13 -19.04 5.27
N HIS A 280 -4.29 -17.79 5.71
CA HIS A 280 -5.14 -17.46 6.84
C HIS A 280 -5.61 -15.96 6.74
N PRO A 281 -6.64 -15.59 7.49
CA PRO A 281 -7.08 -14.21 7.53
C PRO A 281 -6.03 -13.32 8.16
N GLY A 282 -6.05 -12.02 7.87
CA GLY A 282 -5.22 -11.05 8.54
C GLY A 282 -3.76 -11.09 8.04
N PRO A 283 -2.93 -10.23 8.63
CA PRO A 283 -1.56 -10.04 8.19
C PRO A 283 -0.65 -11.23 8.48
N LEU A 284 0.49 -11.18 7.79
CA LEU A 284 1.57 -12.09 7.94
C LEU A 284 1.81 -12.24 9.45
N ARG A 285 2.11 -13.47 9.87
CA ARG A 285 2.39 -13.83 11.25
C ARG A 285 3.83 -14.28 11.39
N ARG A 286 4.38 -14.18 12.60
CA ARG A 286 5.74 -14.69 12.86
C ARG A 286 5.90 -16.16 12.50
N GLU A 287 4.86 -16.93 12.85
CA GLU A 287 4.74 -18.38 12.60
C GLU A 287 4.80 -18.73 11.08
N ASP A 288 4.54 -17.74 10.21
CA ASP A 288 4.57 -17.90 8.76
C ASP A 288 5.95 -17.79 8.12
N LEU A 289 6.87 -17.11 8.78
CA LEU A 289 8.17 -16.77 8.15
C LEU A 289 8.90 -18.01 7.65
N GLU A 290 8.80 -19.10 8.42
CA GLU A 290 9.44 -20.37 8.07
C GLU A 290 8.98 -20.85 6.70
N ALA A 291 7.73 -20.58 6.33
CA ALA A 291 7.22 -21.13 5.08
C ALA A 291 7.67 -20.35 3.85
N ILE A 292 8.29 -19.17 4.03
CA ILE A 292 8.65 -18.34 2.87
C ILE A 292 9.61 -19.04 1.90
N SER A 293 10.67 -19.63 2.43
CA SER A 293 11.61 -20.44 1.65
C SER A 293 11.16 -21.89 1.60
#